data_3ZPL
#
_entry.id   3ZPL
#
_cell.length_a   70.800
_cell.length_b   70.800
_cell.length_c   557.480
_cell.angle_alpha   90.00
_cell.angle_beta   90.00
_cell.angle_gamma   120.00
#
_symmetry.space_group_name_H-M   'P 65'
#
loop_
_entity.id
_entity.type
_entity.pdbx_description
1 polymer 'PUTATIVE MARR-FAMILY TRANSCRIPTIONAL REPRESSOR'
2 polymer "5'-D(*AP*AP*AP*GP*AP*TP*TP*GP*AP*GP*AP*TP*CP*TP *CP*AP*AP*TP*CP*TP*TP*DT)-3'"
3 non-polymer 'PHOSPHATE ION'
4 water water
#
loop_
_entity_poly.entity_id
_entity_poly.type
_entity_poly.pdbx_seq_one_letter_code
_entity_poly.pdbx_strand_id
1 'polypeptide(L)'
;MHHHHHHENLYFQGMNDEPRWLTAEEQLVWRSYIEAATLLEDHLDRQLQRDAGMPHVYYGLLVKLAESPRRRLRMTELAK
YAKITRSRLSHAVARLEKNGWVRREDCPSDKRGQFAILTDEGYEVLRRTAPGHVDAVRQAVFDRLTPEQQKSLGEIMRIV
AEGLQPSEAGADLPWLR
;
A,B,E,F
2 'polydeoxyribonucleotide'
;(DA)(DA)(DA)(DG)(DA)(DT)(DT)(DG)(DA)(DG)(DA)(DT)(DC)(DT)(DC)(DA)(DA)(DT)(DC)(DT)
(DT)(DT)
;
C,D,G,H
#
# COMPACT_ATOMS: atom_id res chain seq x y z
N PRO A 19 2.16 18.36 -1.53
CA PRO A 19 3.18 17.31 -1.32
C PRO A 19 2.78 16.26 -0.24
N ARG A 20 1.69 15.56 -0.57
CA ARG A 20 1.08 14.54 0.28
C ARG A 20 1.70 13.15 0.09
N TRP A 21 1.14 12.13 0.74
CA TRP A 21 1.59 10.73 0.66
C TRP A 21 0.64 9.98 -0.24
N LEU A 22 1.01 8.78 -0.65
CA LEU A 22 0.10 7.93 -1.44
C LEU A 22 -0.57 6.92 -0.56
N THR A 23 -1.90 6.82 -0.66
CA THR A 23 -2.61 5.81 0.12
C THR A 23 -2.12 4.45 -0.34
N ALA A 24 -2.36 3.43 0.45
CA ALA A 24 -2.00 2.07 0.05
C ALA A 24 -2.81 1.65 -1.15
N GLU A 25 -4.04 2.17 -1.28
CA GLU A 25 -4.86 1.82 -2.43
C GLU A 25 -4.18 2.34 -3.66
N GLU A 26 -3.84 3.63 -3.65
CA GLU A 26 -3.17 4.30 -4.78
C GLU A 26 -1.88 3.61 -5.15
N GLN A 27 -1.09 3.27 -4.15
CA GLN A 27 0.12 2.52 -4.38
C GLN A 27 -0.15 1.25 -5.21
N LEU A 28 -1.21 0.52 -4.87
CA LEU A 28 -1.59 -0.72 -5.57
C LEU A 28 -2.07 -0.50 -7.00
N VAL A 29 -2.76 0.61 -7.21
CA VAL A 29 -3.20 0.98 -8.55
C VAL A 29 -1.95 1.19 -9.40
N TRP A 30 -1.04 2.02 -8.88
CA TRP A 30 0.21 2.32 -9.57
C TRP A 30 0.99 1.06 -9.92
N ARG A 31 1.13 0.16 -8.97
CA ARG A 31 1.85 -1.08 -9.24
C ARG A 31 1.23 -1.80 -10.41
N SER A 32 -0.07 -2.00 -10.34
CA SER A 32 -0.74 -2.80 -11.37
C SER A 32 -0.71 -2.09 -12.72
N TYR A 33 -0.67 -0.76 -12.72
CA TYR A 33 -0.38 -0.03 -13.96
C TYR A 33 0.99 -0.41 -14.51
N ILE A 34 2.03 -0.26 -13.70
CA ILE A 34 3.41 -0.56 -14.12
C ILE A 34 3.53 -1.96 -14.72
N GLU A 35 2.98 -2.95 -14.04
CA GLU A 35 3.06 -4.33 -14.49
C GLU A 35 2.39 -4.46 -15.86
N ALA A 36 1.15 -4.00 -15.93
CA ALA A 36 0.36 -4.12 -17.16
C ALA A 36 1.12 -3.55 -18.33
N ALA A 37 1.54 -2.31 -18.18
CA ALA A 37 2.27 -1.62 -19.24
C ALA A 37 3.53 -2.38 -19.63
N THR A 38 4.28 -2.84 -18.63
CA THR A 38 5.55 -3.51 -18.91
C THR A 38 5.27 -4.84 -19.60
N LEU A 39 4.15 -5.49 -19.27
CA LEU A 39 3.78 -6.77 -19.89
C LEU A 39 3.23 -6.58 -21.30
N LEU A 40 2.41 -5.54 -21.49
CA LEU A 40 1.94 -5.22 -22.84
C LEU A 40 3.09 -4.90 -23.81
N GLU A 41 3.95 -3.96 -23.45
CA GLU A 41 5.09 -3.61 -24.35
C GLU A 41 5.87 -4.88 -24.65
N ASP A 42 6.01 -5.77 -23.67
CA ASP A 42 6.73 -7.01 -23.89
C ASP A 42 6.00 -7.93 -24.87
N HIS A 43 4.70 -8.08 -24.64
CA HIS A 43 3.89 -8.97 -25.44
C HIS A 43 3.84 -8.50 -26.88
N LEU A 44 3.66 -7.19 -27.06
CA LEU A 44 3.49 -6.62 -28.39
C LEU A 44 4.81 -6.53 -29.15
N ASP A 45 5.86 -6.04 -28.49
CA ASP A 45 7.21 -6.08 -29.05
C ASP A 45 7.54 -7.46 -29.58
N ARG A 46 7.23 -8.49 -28.81
CA ARG A 46 7.59 -9.86 -29.23
C ARG A 46 6.75 -10.32 -30.41
N GLN A 47 5.45 -10.08 -30.32
CA GLN A 47 4.55 -10.41 -31.39
C GLN A 47 5.03 -9.75 -32.70
N LEU A 48 5.41 -8.48 -32.62
CA LEU A 48 5.85 -7.75 -33.80
C LEU A 48 7.28 -8.09 -34.24
N GLN A 49 8.14 -8.45 -33.30
CA GLN A 49 9.50 -8.85 -33.64
C GLN A 49 9.52 -10.17 -34.42
N ARG A 50 8.66 -11.13 -34.07
CA ARG A 50 8.61 -12.40 -34.79
C ARG A 50 7.82 -12.29 -36.08
N ASP A 51 6.60 -11.77 -36.01
CA ASP A 51 5.68 -11.77 -37.15
C ASP A 51 5.96 -10.68 -38.18
N ALA A 52 6.76 -9.69 -37.83
CA ALA A 52 7.01 -8.54 -38.73
C ALA A 52 8.46 -7.99 -38.72
N GLY A 53 9.32 -8.53 -37.86
CA GLY A 53 10.73 -8.16 -37.86
C GLY A 53 11.06 -6.78 -37.34
N MET A 54 10.22 -6.21 -36.49
CA MET A 54 10.51 -4.90 -35.88
C MET A 54 9.75 -4.68 -34.58
N PRO A 55 10.25 -3.78 -33.72
CA PRO A 55 9.63 -3.52 -32.43
C PRO A 55 8.40 -2.65 -32.53
N HIS A 56 7.66 -2.53 -31.44
CA HIS A 56 6.35 -1.86 -31.50
C HIS A 56 6.45 -0.41 -31.92
N VAL A 57 7.46 0.30 -31.46
CA VAL A 57 7.55 1.73 -31.72
C VAL A 57 7.74 1.99 -33.21
N TYR A 58 8.64 1.21 -33.83
CA TYR A 58 8.87 1.28 -35.27
C TYR A 58 7.58 1.03 -36.06
N TYR A 59 6.94 -0.11 -35.84
CA TYR A 59 5.65 -0.42 -36.46
C TYR A 59 4.71 0.78 -36.42
N GLY A 60 4.63 1.44 -35.26
CA GLY A 60 3.82 2.66 -35.11
C GLY A 60 4.17 3.76 -36.10
N LEU A 61 5.47 3.91 -36.38
CA LEU A 61 5.92 4.93 -37.32
C LEU A 61 5.38 4.62 -38.70
N LEU A 62 5.46 3.36 -39.12
CA LEU A 62 4.90 2.95 -40.40
C LEU A 62 3.41 3.20 -40.49
N VAL A 63 2.70 2.88 -39.41
CA VAL A 63 1.26 3.09 -39.35
C VAL A 63 0.90 4.56 -39.50
N LYS A 64 1.64 5.43 -38.84
CA LYS A 64 1.32 6.85 -38.96
C LYS A 64 1.59 7.40 -40.36
N LEU A 65 2.62 6.91 -41.04
CA LEU A 65 2.94 7.35 -42.42
C LEU A 65 1.90 6.82 -43.38
N ALA A 66 1.62 5.52 -43.28
CA ALA A 66 0.52 4.88 -44.02
C ALA A 66 -0.80 5.67 -43.94
N GLU A 67 -1.05 6.28 -42.79
CA GLU A 67 -2.21 7.12 -42.58
C GLU A 67 -2.08 8.54 -43.11
N SER A 68 -0.86 8.99 -43.38
CA SER A 68 -0.64 10.38 -43.74
C SER A 68 -0.93 10.66 -45.21
N PRO A 69 -1.14 11.95 -45.53
CA PRO A 69 -1.26 12.31 -46.94
C PRO A 69 0.04 11.99 -47.65
N ARG A 70 -0.07 11.44 -48.85
CA ARG A 70 1.08 11.02 -49.65
C ARG A 70 2.05 10.09 -48.92
N ARG A 71 1.54 9.41 -47.89
CA ARG A 71 2.31 8.43 -47.10
C ARG A 71 3.62 8.99 -46.55
N ARG A 72 3.62 10.28 -46.25
CA ARG A 72 4.83 10.96 -45.83
C ARG A 72 4.53 11.91 -44.70
N LEU A 73 5.59 12.30 -44.00
CA LEU A 73 5.49 13.17 -42.85
C LEU A 73 6.90 13.69 -42.57
N ARG A 74 7.02 14.95 -42.19
CA ARG A 74 8.34 15.50 -41.84
C ARG A 74 8.78 14.95 -40.51
N MET A 75 10.09 14.82 -40.34
CA MET A 75 10.67 14.16 -39.17
C MET A 75 10.08 14.61 -37.84
N THR A 76 10.11 15.91 -37.54
CA THR A 76 9.67 16.39 -36.24
C THR A 76 8.20 16.05 -36.06
N GLU A 77 7.41 16.18 -37.12
CA GLU A 77 5.99 15.84 -37.04
C GLU A 77 5.82 14.37 -36.67
N LEU A 78 6.63 13.53 -37.28
CA LEU A 78 6.57 12.11 -37.02
C LEU A 78 6.92 11.85 -35.56
N ALA A 79 8.01 12.46 -35.09
CA ALA A 79 8.37 12.36 -33.66
C ALA A 79 7.26 12.82 -32.73
N LYS A 80 6.58 13.92 -33.08
CA LYS A 80 5.51 14.49 -32.22
C LYS A 80 4.33 13.53 -32.08
N TYR A 81 3.96 12.86 -33.18
CA TYR A 81 2.87 11.88 -33.12
C TYR A 81 3.29 10.68 -32.28
N ALA A 82 4.51 10.21 -32.52
CA ALA A 82 5.04 9.03 -31.85
C ALA A 82 5.40 9.28 -30.38
N LYS A 83 5.61 10.55 -30.03
CA LYS A 83 5.97 10.98 -28.67
C LYS A 83 7.38 10.55 -28.30
N ILE A 84 8.26 10.58 -29.29
CA ILE A 84 9.64 10.19 -29.09
C ILE A 84 10.53 11.36 -29.42
N THR A 85 11.85 11.20 -29.28
CA THR A 85 12.74 12.27 -29.64
C THR A 85 13.15 12.19 -31.10
N ARG A 86 13.57 13.32 -31.64
CA ARG A 86 14.09 13.40 -33.00
C ARG A 86 15.28 12.47 -33.22
N SER A 87 16.05 12.28 -32.15
CA SER A 87 17.28 11.50 -32.18
C SER A 87 16.94 10.07 -32.37
N ARG A 88 16.05 9.59 -31.51
CA ARG A 88 15.55 8.25 -31.61
C ARG A 88 14.91 8.05 -32.97
N LEU A 89 14.17 9.04 -33.45
CA LEU A 89 13.52 8.94 -34.76
C LEU A 89 14.52 8.80 -35.90
N SER A 90 15.60 9.60 -35.88
CA SER A 90 16.60 9.53 -36.93
C SER A 90 17.19 8.15 -36.97
N HIS A 91 17.60 7.65 -35.81
CA HIS A 91 18.16 6.30 -35.75
C HIS A 91 17.14 5.27 -36.25
N ALA A 92 15.89 5.39 -35.84
CA ALA A 92 14.87 4.43 -36.25
C ALA A 92 14.64 4.45 -37.75
N VAL A 93 14.61 5.63 -38.34
CA VAL A 93 14.43 5.74 -39.80
C VAL A 93 15.68 5.30 -40.62
N ALA A 94 16.89 5.43 -40.05
CA ALA A 94 18.07 4.86 -40.70
C ALA A 94 17.91 3.35 -40.81
N ARG A 95 17.34 2.77 -39.76
CA ARG A 95 17.19 1.33 -39.68
C ARG A 95 16.06 0.86 -40.62
N LEU A 96 14.97 1.62 -40.68
CA LEU A 96 13.84 1.29 -41.55
C LEU A 96 14.16 1.51 -43.03
N GLU A 97 14.95 2.56 -43.31
CA GLU A 97 15.44 2.82 -44.64
C GLU A 97 16.33 1.69 -45.10
N LYS A 98 17.21 1.24 -44.22
CA LYS A 98 18.09 0.10 -44.53
C LYS A 98 17.30 -1.12 -44.98
N ASN A 99 16.29 -1.53 -44.21
CA ASN A 99 15.51 -2.66 -44.67
C ASN A 99 14.44 -2.35 -45.73
N GLY A 100 14.37 -1.10 -46.17
CA GLY A 100 13.57 -0.76 -47.35
C GLY A 100 12.13 -0.39 -47.13
N TRP A 101 11.69 -0.29 -45.88
CA TRP A 101 10.29 0.01 -45.60
C TRP A 101 10.03 1.54 -45.63
N VAL A 102 11.10 2.33 -45.64
CA VAL A 102 11.00 3.80 -45.62
C VAL A 102 12.08 4.42 -46.51
N ARG A 103 11.81 5.61 -47.04
CA ARG A 103 12.83 6.39 -47.77
C ARG A 103 12.67 7.85 -47.40
N ARG A 104 13.70 8.64 -47.67
CA ARG A 104 13.71 10.05 -47.32
C ARG A 104 13.79 10.94 -48.54
N GLU A 105 13.17 12.13 -48.42
CA GLU A 105 13.32 13.19 -49.41
C GLU A 105 13.55 14.51 -48.70
N ASP A 106 14.09 15.47 -49.44
CA ASP A 106 14.29 16.82 -48.93
C ASP A 106 13.00 17.62 -49.07
N CYS A 107 12.78 18.57 -48.17
CA CYS A 107 11.67 19.51 -48.32
C CYS A 107 12.17 20.51 -49.37
N PRO A 108 11.33 20.81 -50.38
CA PRO A 108 11.82 21.69 -51.45
C PRO A 108 11.89 23.19 -51.05
N SER A 109 10.94 23.67 -50.25
CA SER A 109 10.91 25.07 -49.80
C SER A 109 11.94 25.33 -48.72
N ASP A 110 12.18 24.34 -47.87
CA ASP A 110 13.10 24.49 -46.76
C ASP A 110 14.18 23.40 -46.86
N LYS A 111 15.35 23.76 -47.36
CA LYS A 111 16.42 22.77 -47.67
C LYS A 111 17.02 22.17 -46.39
N ARG A 112 16.23 22.21 -45.32
CA ARG A 112 16.63 21.88 -43.97
C ARG A 112 15.80 20.68 -43.50
N GLY A 113 14.54 20.69 -43.89
CA GLY A 113 13.61 19.64 -43.54
C GLY A 113 13.85 18.36 -44.31
N GLN A 114 13.34 17.27 -43.74
CA GLN A 114 13.40 15.98 -44.39
C GLN A 114 12.07 15.28 -44.24
N PHE A 115 11.63 14.62 -45.31
CA PHE A 115 10.41 13.83 -45.26
C PHE A 115 10.77 12.37 -45.05
N ALA A 116 9.94 11.68 -44.27
CA ALA A 116 9.97 10.23 -44.17
C ALA A 116 8.78 9.69 -44.96
N ILE A 117 9.06 8.89 -45.97
CA ILE A 117 8.05 8.39 -46.86
C ILE A 117 8.02 6.87 -46.76
N LEU A 118 6.82 6.31 -46.64
CA LEU A 118 6.63 4.86 -46.59
C LEU A 118 6.72 4.28 -47.99
N THR A 119 7.63 3.34 -48.21
CA THR A 119 7.76 2.66 -49.50
C THR A 119 6.59 1.74 -49.78
N ASP A 120 6.45 1.30 -51.02
CA ASP A 120 5.48 0.24 -51.34
C ASP A 120 5.68 -1.00 -50.48
N GLU A 121 6.90 -1.51 -50.43
CA GLU A 121 7.19 -2.72 -49.66
C GLU A 121 6.85 -2.55 -48.19
N GLY A 122 7.04 -1.34 -47.67
CA GLY A 122 6.69 -1.02 -46.29
C GLY A 122 5.19 -1.17 -46.10
N TYR A 123 4.42 -0.59 -47.01
CA TYR A 123 2.98 -0.77 -47.01
C TYR A 123 2.58 -2.24 -47.08
N GLU A 124 3.36 -3.05 -47.80
CA GLU A 124 3.04 -4.47 -47.91
C GLU A 124 3.29 -5.22 -46.60
N VAL A 125 4.22 -4.73 -45.78
CA VAL A 125 4.45 -5.31 -44.45
C VAL A 125 3.31 -4.99 -43.49
N LEU A 126 2.70 -3.82 -43.63
CA LEU A 126 1.54 -3.49 -42.81
C LEU A 126 0.38 -4.38 -43.18
N ARG A 127 0.09 -4.46 -44.48
CA ARG A 127 -1.01 -5.28 -44.98
C ARG A 127 -0.86 -6.73 -44.50
N ARG A 128 0.37 -7.25 -44.59
CA ARG A 128 0.66 -8.60 -44.15
C ARG A 128 0.48 -8.79 -42.64
N THR A 129 0.91 -7.83 -41.82
CA THR A 129 1.02 -8.06 -40.37
C THR A 129 -0.09 -7.48 -39.50
N ALA A 130 -0.65 -6.34 -39.90
CA ALA A 130 -1.69 -5.68 -39.10
C ALA A 130 -2.73 -6.60 -38.46
N PRO A 131 -3.40 -7.45 -39.24
CA PRO A 131 -4.35 -8.40 -38.64
C PRO A 131 -3.80 -9.16 -37.43
N GLY A 132 -2.58 -9.68 -37.53
CA GLY A 132 -1.92 -10.29 -36.38
C GLY A 132 -1.83 -9.30 -35.22
N HIS A 133 -1.24 -8.14 -35.48
CA HIS A 133 -1.07 -7.15 -34.43
C HIS A 133 -2.39 -6.70 -33.82
N VAL A 134 -3.42 -6.58 -34.65
CA VAL A 134 -4.75 -6.21 -34.16
C VAL A 134 -5.30 -7.27 -33.21
N ASP A 135 -5.25 -8.54 -33.63
CA ASP A 135 -5.64 -9.65 -32.74
C ASP A 135 -4.97 -9.52 -31.39
N ALA A 136 -3.62 -9.48 -31.40
CA ALA A 136 -2.83 -9.42 -30.18
C ALA A 136 -3.26 -8.26 -29.26
N VAL A 137 -3.58 -7.11 -29.87
CA VAL A 137 -4.08 -5.96 -29.12
C VAL A 137 -5.52 -6.17 -28.63
N ARG A 138 -6.32 -6.88 -29.42
CA ARG A 138 -7.66 -7.26 -28.97
C ARG A 138 -7.58 -8.18 -27.75
N GLN A 139 -6.87 -9.30 -27.93
CA GLN A 139 -6.85 -10.38 -26.94
C GLN A 139 -6.29 -9.91 -25.62
N ALA A 140 -5.27 -9.06 -25.66
CA ALA A 140 -4.65 -8.54 -24.45
C ALA A 140 -5.51 -7.49 -23.75
N VAL A 141 -6.29 -6.74 -24.50
CA VAL A 141 -7.01 -5.59 -23.95
C VAL A 141 -8.53 -5.62 -24.19
N PHE A 142 -8.97 -5.34 -25.42
CA PHE A 142 -10.37 -4.99 -25.64
C PHE A 142 -11.35 -6.13 -25.40
N ASP A 143 -10.96 -7.35 -25.77
CA ASP A 143 -11.78 -8.53 -25.48
C ASP A 143 -12.01 -8.75 -23.97
N ARG A 144 -11.25 -8.07 -23.12
CA ARG A 144 -11.30 -8.29 -21.67
C ARG A 144 -12.02 -7.20 -20.88
N LEU A 145 -12.46 -6.14 -21.56
CA LEU A 145 -13.08 -5.00 -20.89
C LEU A 145 -14.48 -4.71 -21.43
N THR A 146 -15.41 -4.41 -20.53
CA THR A 146 -16.75 -4.00 -20.92
C THR A 146 -16.67 -2.63 -21.61
N PRO A 147 -17.70 -2.28 -22.42
CA PRO A 147 -17.78 -0.94 -22.97
C PRO A 147 -17.53 0.19 -21.96
N GLU A 148 -18.15 0.10 -20.78
CA GLU A 148 -17.95 1.11 -19.73
C GLU A 148 -16.47 1.35 -19.43
N GLN A 149 -15.67 0.28 -19.37
CA GLN A 149 -14.25 0.37 -18.99
C GLN A 149 -13.38 0.83 -20.13
N GLN A 150 -13.73 0.42 -21.34
CA GLN A 150 -13.08 0.96 -22.53
C GLN A 150 -13.29 2.47 -22.56
N LYS A 151 -14.53 2.91 -22.34
CA LYS A 151 -14.81 4.34 -22.25
C LYS A 151 -13.92 4.93 -21.19
N SER A 152 -13.95 4.31 -20.01
CA SER A 152 -13.23 4.82 -18.84
C SER A 152 -11.71 4.92 -19.04
N LEU A 153 -11.13 3.88 -19.65
CA LEU A 153 -9.69 3.85 -19.97
C LEU A 153 -9.25 5.05 -20.80
N GLY A 154 -10.00 5.33 -21.88
CA GLY A 154 -9.66 6.41 -22.80
C GLY A 154 -9.76 7.77 -22.15
N GLU A 155 -10.80 7.98 -21.35
CA GLU A 155 -10.96 9.21 -20.62
C GLU A 155 -9.75 9.41 -19.71
N ILE A 156 -9.32 8.33 -19.08
CA ILE A 156 -8.24 8.37 -18.10
C ILE A 156 -6.89 8.66 -18.75
N MET A 157 -6.53 7.91 -19.78
CA MET A 157 -5.23 8.07 -20.40
C MET A 157 -5.13 9.43 -21.06
N ARG A 158 -6.21 9.88 -21.70
CA ARG A 158 -6.25 11.18 -22.36
C ARG A 158 -5.90 12.33 -21.42
N ILE A 159 -6.38 12.26 -20.18
CA ILE A 159 -6.01 13.26 -19.16
C ILE A 159 -4.51 13.20 -18.82
N VAL A 160 -4.03 11.98 -18.58
CA VAL A 160 -2.62 11.74 -18.28
C VAL A 160 -1.73 12.28 -19.41
N ALA A 161 -2.12 11.99 -20.64
CA ALA A 161 -1.36 12.46 -21.79
C ALA A 161 -1.42 13.99 -21.89
N GLU A 162 -2.65 14.53 -21.93
CA GLU A 162 -2.83 15.97 -22.00
C GLU A 162 -1.96 16.63 -20.94
N GLY A 163 -1.94 16.05 -19.73
CA GLY A 163 -1.19 16.59 -18.60
C GLY A 163 0.30 16.67 -18.83
N LEU A 164 0.83 15.71 -19.60
CA LEU A 164 2.28 15.60 -19.81
C LEU A 164 2.77 16.35 -21.03
N GLN A 165 1.86 16.87 -21.84
CA GLN A 165 2.25 17.67 -22.99
C GLN A 165 1.42 18.94 -23.01
N PRO A 166 1.62 19.80 -22.00
CA PRO A 166 0.94 21.08 -22.07
C PRO A 166 1.52 21.99 -23.18
N SER A 167 0.72 22.96 -23.64
CA SER A 167 1.16 23.89 -24.68
C SER A 167 2.09 24.99 -24.14
N GLU A 168 2.16 25.11 -22.79
CA GLU A 168 2.64 26.30 -22.06
C GLU A 168 4.16 26.55 -22.06
N ALA A 169 4.78 26.32 -23.23
CA ALA A 169 6.09 26.86 -23.60
C ALA A 169 7.30 26.24 -22.87
N GLY A 170 7.54 26.62 -21.62
CA GLY A 170 8.69 26.07 -20.89
C GLY A 170 8.50 24.65 -20.41
N ALA A 171 8.39 23.72 -21.35
CA ALA A 171 8.23 22.32 -21.05
C ALA A 171 9.28 21.45 -21.77
N ASP A 172 9.33 20.18 -21.38
CA ASP A 172 10.35 19.21 -21.78
C ASP A 172 9.78 18.10 -22.69
N LEU A 173 9.22 18.48 -23.84
CA LEU A 173 8.60 17.54 -24.74
C LEU A 173 9.70 16.86 -25.58
N PRO A 174 9.65 15.51 -25.67
CA PRO A 174 10.66 14.71 -26.39
C PRO A 174 11.09 15.27 -27.77
N TRP A 175 10.12 15.65 -28.58
CA TRP A 175 10.39 16.06 -29.96
C TRP A 175 10.99 17.46 -30.03
N LEU A 176 11.00 18.17 -28.90
CA LEU A 176 11.66 19.47 -28.78
C LEU A 176 12.95 19.37 -28.02
N ARG A 177 13.43 18.15 -27.83
CA ARG A 177 14.69 17.96 -27.14
C ARG A 177 15.79 18.26 -28.13
N PRO B 19 -10.80 -11.90 -40.42
CA PRO B 19 -10.36 -10.49 -40.34
C PRO B 19 -11.23 -9.60 -39.44
N ARG B 20 -10.67 -9.13 -38.31
CA ARG B 20 -11.30 -8.10 -37.45
C ARG B 20 -10.89 -6.72 -37.97
N TRP B 21 -11.12 -5.69 -37.14
CA TRP B 21 -10.45 -4.38 -37.24
C TRP B 21 -10.84 -3.64 -35.97
N LEU B 22 -10.25 -2.48 -35.74
CA LEU B 22 -10.62 -1.63 -34.60
C LEU B 22 -11.59 -0.52 -35.01
N THR B 23 -12.68 -0.34 -34.28
CA THR B 23 -13.61 0.78 -34.55
C THR B 23 -12.85 2.06 -34.30
N ALA B 24 -13.36 3.16 -34.81
CA ALA B 24 -12.71 4.45 -34.59
C ALA B 24 -12.75 4.81 -33.11
N GLU B 25 -13.79 4.37 -32.39
CA GLU B 25 -13.91 4.68 -30.96
C GLU B 25 -12.75 4.00 -30.24
N GLU B 26 -12.60 2.70 -30.50
CA GLU B 26 -11.53 1.89 -29.92
C GLU B 26 -10.15 2.46 -30.25
N GLN B 27 -9.93 2.84 -31.50
CA GLN B 27 -8.69 3.49 -31.91
C GLN B 27 -8.35 4.68 -31.03
N LEU B 28 -9.34 5.51 -30.75
CA LEU B 28 -9.12 6.68 -29.90
C LEU B 28 -8.68 6.28 -28.51
N VAL B 29 -9.30 5.24 -27.95
CA VAL B 29 -8.92 4.75 -26.63
C VAL B 29 -7.48 4.24 -26.65
N TRP B 30 -7.21 3.32 -27.56
CA TRP B 30 -5.88 2.72 -27.70
C TRP B 30 -4.82 3.77 -27.95
N ARG B 31 -5.08 4.67 -28.88
CA ARG B 31 -4.10 5.69 -29.23
C ARG B 31 -3.76 6.50 -27.95
N SER B 32 -4.79 6.93 -27.21
CA SER B 32 -4.53 7.75 -26.02
C SER B 32 -3.83 6.96 -24.91
N TYR B 33 -4.07 5.67 -24.84
CA TYR B 33 -3.25 4.82 -23.98
C TYR B 33 -1.79 4.89 -24.40
N ILE B 34 -1.51 4.56 -25.65
CA ILE B 34 -0.13 4.53 -26.15
C ILE B 34 0.61 5.82 -25.81
N GLU B 35 0.00 6.97 -26.09
CA GLU B 35 0.63 8.26 -25.86
C GLU B 35 0.97 8.44 -24.43
N ALA B 36 -0.05 8.27 -23.60
CA ALA B 36 0.09 8.47 -22.17
C ALA B 36 1.26 7.65 -21.66
N ALA B 37 1.21 6.35 -21.95
CA ALA B 37 2.25 5.44 -21.46
C ALA B 37 3.63 5.86 -21.93
N THR B 38 3.73 6.22 -23.20
CA THR B 38 5.03 6.60 -23.75
C THR B 38 5.52 7.89 -23.12
N LEU B 39 4.60 8.80 -22.78
CA LEU B 39 4.95 10.07 -22.17
C LEU B 39 5.29 9.91 -20.69
N LEU B 40 4.55 9.04 -19.99
CA LEU B 40 4.89 8.74 -18.58
C LEU B 40 6.26 8.11 -18.40
N GLU B 41 6.53 7.03 -19.12
CA GLU B 41 7.81 6.38 -19.08
C GLU B 41 8.92 7.40 -19.35
N ASP B 42 8.68 8.31 -20.30
CA ASP B 42 9.65 9.33 -20.60
C ASP B 42 9.84 10.31 -19.43
N HIS B 43 8.72 10.78 -18.89
CA HIS B 43 8.75 11.77 -17.84
C HIS B 43 9.42 11.18 -16.60
N LEU B 44 9.10 9.94 -16.28
CA LEU B 44 9.61 9.30 -15.06
C LEU B 44 11.07 8.87 -15.18
N ASP B 45 11.42 8.22 -16.29
CA ASP B 45 12.82 7.93 -16.61
C ASP B 45 13.67 9.13 -16.46
N ARG B 46 13.21 10.27 -16.97
CA ARG B 46 14.02 11.51 -16.87
C ARG B 46 14.14 12.05 -15.46
N GLN B 47 13.02 12.10 -14.76
CA GLN B 47 13.00 12.51 -13.37
C GLN B 47 13.98 11.66 -12.56
N LEU B 48 13.96 10.35 -12.79
CA LEU B 48 14.83 9.48 -12.03
C LEU B 48 16.28 9.49 -12.50
N GLN B 49 16.50 9.73 -13.78
CA GLN B 49 17.87 9.76 -14.29
C GLN B 49 18.62 10.98 -13.75
N ARG B 50 17.95 12.11 -13.58
CA ARG B 50 18.63 13.30 -13.04
C ARG B 50 18.71 13.29 -11.51
N ASP B 51 17.59 13.03 -10.85
CA ASP B 51 17.51 13.11 -9.38
C ASP B 51 18.10 11.91 -8.63
N ALA B 52 18.31 10.79 -9.34
CA ALA B 52 18.75 9.54 -8.70
C ALA B 52 19.75 8.71 -9.52
N GLY B 53 20.04 9.12 -10.74
CA GLY B 53 21.09 8.49 -11.52
C GLY B 53 20.76 7.11 -12.07
N MET B 54 19.48 6.80 -12.25
CA MET B 54 19.09 5.50 -12.81
C MET B 54 17.71 5.56 -13.44
N PRO B 55 17.44 4.65 -14.39
CA PRO B 55 16.15 4.64 -15.08
C PRO B 55 15.02 4.06 -14.22
N HIS B 56 13.78 4.19 -14.68
CA HIS B 56 12.64 3.79 -13.86
C HIS B 56 12.64 2.32 -13.50
N VAL B 57 13.04 1.44 -14.41
CA VAL B 57 12.93 0.00 -14.17
C VAL B 57 13.88 -0.41 -13.03
N TYR B 58 15.11 0.10 -13.07
CA TYR B 58 16.08 -0.12 -12.02
C TYR B 58 15.57 0.33 -10.65
N TYR B 59 15.19 1.60 -10.53
CA TYR B 59 14.57 2.11 -9.32
C TYR B 59 13.51 1.14 -8.75
N GLY B 60 12.66 0.60 -9.63
CA GLY B 60 11.63 -0.38 -9.25
C GLY B 60 12.21 -1.62 -8.60
N LEU B 61 13.36 -2.08 -9.10
CA LEU B 61 14.02 -3.22 -8.50
C LEU B 61 14.42 -2.91 -7.05
N LEU B 62 15.01 -1.76 -6.83
CA LEU B 62 15.39 -1.37 -5.47
C LEU B 62 14.19 -1.30 -4.55
N VAL B 63 13.10 -0.75 -5.06
CA VAL B 63 11.87 -0.65 -4.29
C VAL B 63 11.36 -2.03 -3.89
N LYS B 64 11.41 -2.99 -4.80
CA LYS B 64 10.87 -4.30 -4.50
C LYS B 64 11.73 -5.04 -3.45
N LEU B 65 13.05 -4.83 -3.48
CA LEU B 65 13.93 -5.41 -2.48
C LEU B 65 13.73 -4.73 -1.12
N ALA B 66 13.75 -3.40 -1.12
CA ALA B 66 13.47 -2.63 0.06
C ALA B 66 12.20 -3.10 0.78
N GLU B 67 11.22 -3.55 -0.01
CA GLU B 67 9.96 -4.07 0.52
C GLU B 67 10.04 -5.51 0.97
N SER B 68 11.07 -6.23 0.56
CA SER B 68 11.16 -7.66 0.84
C SER B 68 11.67 -7.99 2.25
N PRO B 69 11.36 -9.21 2.75
CA PRO B 69 12.00 -9.65 3.98
C PRO B 69 13.51 -9.69 3.81
N ARG B 70 14.24 -9.23 4.82
CA ARG B 70 15.70 -9.15 4.80
C ARG B 70 16.27 -8.41 3.57
N ARG B 71 15.44 -7.56 2.98
CA ARG B 71 15.83 -6.71 1.85
C ARG B 71 16.46 -7.51 0.70
N ARG B 72 15.98 -8.74 0.54
CA ARG B 72 16.53 -9.63 -0.46
C ARG B 72 15.45 -10.43 -1.16
N LEU B 73 15.80 -10.97 -2.31
CA LEU B 73 14.87 -11.67 -3.18
C LEU B 73 15.70 -12.46 -4.19
N ARG B 74 15.30 -13.68 -4.49
CA ARG B 74 16.01 -14.47 -5.47
C ARG B 74 15.76 -13.94 -6.84
N MET B 75 16.76 -14.07 -7.71
CA MET B 75 16.75 -13.41 -9.04
C MET B 75 15.42 -13.59 -9.78
N THR B 76 15.00 -14.85 -9.94
CA THR B 76 13.79 -15.10 -10.70
C THR B 76 12.59 -14.42 -10.04
N GLU B 77 12.50 -14.47 -8.71
CA GLU B 77 11.39 -13.83 -7.98
C GLU B 77 11.41 -12.32 -8.24
N LEU B 78 12.58 -11.75 -8.26
CA LEU B 78 12.72 -10.34 -8.58
C LEU B 78 12.23 -10.06 -10.01
N ALA B 79 12.69 -10.84 -10.97
CA ALA B 79 12.24 -10.70 -12.35
C ALA B 79 10.72 -10.80 -12.44
N LYS B 80 10.12 -11.73 -11.70
CA LYS B 80 8.67 -11.98 -11.77
C LYS B 80 7.87 -10.78 -11.30
N TYR B 81 8.32 -10.14 -10.21
CA TYR B 81 7.65 -8.94 -9.71
C TYR B 81 7.79 -7.79 -10.70
N ALA B 82 9.00 -7.62 -11.22
CA ALA B 82 9.32 -6.56 -12.19
C ALA B 82 8.71 -6.79 -13.58
N LYS B 83 8.39 -8.05 -13.90
CA LYS B 83 7.83 -8.45 -15.19
C LYS B 83 8.84 -8.33 -16.32
N ILE B 84 10.11 -8.61 -16.01
CA ILE B 84 11.18 -8.51 -16.96
C ILE B 84 11.84 -9.87 -17.07
N THR B 85 12.83 -10.00 -17.95
CA THR B 85 13.49 -11.27 -18.12
C THR B 85 14.66 -11.38 -17.18
N ARG B 86 15.03 -12.61 -16.87
CA ARG B 86 16.19 -12.88 -16.04
C ARG B 86 17.45 -12.23 -16.61
N SER B 87 17.51 -12.15 -17.94
CA SER B 87 18.68 -11.69 -18.65
C SER B 87 18.85 -10.24 -18.39
N ARG B 88 17.77 -9.51 -18.63
CA ARG B 88 17.72 -8.10 -18.35
C ARG B 88 18.05 -7.87 -16.88
N LEU B 89 17.49 -8.70 -16.00
CA LEU B 89 17.73 -8.56 -14.58
C LEU B 89 19.18 -8.73 -14.22
N SER B 90 19.84 -9.74 -14.81
CA SER B 90 21.25 -9.97 -14.51
C SER B 90 22.05 -8.74 -14.88
N HIS B 91 21.84 -8.23 -16.09
CA HIS B 91 22.59 -7.05 -16.58
C HIS B 91 22.32 -5.90 -15.63
N ALA B 92 21.07 -5.72 -15.25
CA ALA B 92 20.68 -4.60 -14.39
C ALA B 92 21.35 -4.68 -13.02
N VAL B 93 21.42 -5.88 -12.46
CA VAL B 93 22.03 -6.08 -11.15
C VAL B 93 23.56 -6.00 -11.21
N ALA B 94 24.18 -6.34 -12.34
CA ALA B 94 25.62 -6.11 -12.49
C ALA B 94 25.87 -4.61 -12.35
N ARG B 95 24.97 -3.81 -12.92
CA ARG B 95 25.15 -2.37 -13.00
C ARG B 95 24.88 -1.75 -11.64
N LEU B 96 23.88 -2.26 -10.93
CA LEU B 96 23.54 -1.80 -9.59
C LEU B 96 24.57 -2.24 -8.53
N GLU B 97 25.10 -3.44 -8.70
CA GLU B 97 26.20 -3.93 -7.87
C GLU B 97 27.45 -3.05 -8.05
N LYS B 98 27.76 -2.69 -9.31
CA LYS B 98 28.90 -1.81 -9.60
C LYS B 98 28.78 -0.53 -8.81
N ASN B 99 27.64 0.16 -8.89
CA ASN B 99 27.54 1.40 -8.11
C ASN B 99 27.20 1.21 -6.62
N GLY B 100 27.11 -0.03 -6.18
CA GLY B 100 27.06 -0.31 -4.75
C GLY B 100 25.68 -0.31 -4.09
N TRP B 101 24.62 -0.23 -4.88
CA TRP B 101 23.28 -0.22 -4.30
C TRP B 101 22.74 -1.63 -4.06
N VAL B 102 23.41 -2.62 -4.62
CA VAL B 102 22.98 -4.02 -4.54
C VAL B 102 24.19 -4.95 -4.39
N ARG B 103 23.99 -6.09 -3.73
CA ARG B 103 25.01 -7.14 -3.66
C ARG B 103 24.32 -8.50 -3.82
N ARG B 104 25.11 -9.52 -4.14
CA ARG B 104 24.60 -10.88 -4.36
C ARG B 104 25.13 -11.90 -3.35
N GLU B 105 24.30 -12.88 -3.03
CA GLU B 105 24.69 -14.05 -2.22
C GLU B 105 24.13 -15.35 -2.82
N ASP B 106 24.71 -16.49 -2.42
CA ASP B 106 24.26 -17.81 -2.89
C ASP B 106 23.11 -18.28 -2.02
N CYS B 107 22.20 -19.09 -2.57
CA CYS B 107 21.20 -19.76 -1.78
C CYS B 107 21.90 -20.95 -1.14
N PRO B 108 21.72 -21.16 0.17
CA PRO B 108 22.48 -22.22 0.81
C PRO B 108 21.95 -23.65 0.51
N SER B 109 20.63 -23.81 0.43
CA SER B 109 20.03 -25.11 0.15
C SER B 109 20.14 -25.51 -1.32
N ASP B 110 20.11 -24.53 -2.21
CA ASP B 110 20.14 -24.77 -3.65
C ASP B 110 21.33 -24.02 -4.26
N LYS B 111 22.40 -24.75 -4.56
CA LYS B 111 23.67 -24.16 -4.99
C LYS B 111 23.58 -23.58 -6.41
N ARG B 112 22.36 -23.21 -6.78
CA ARG B 112 21.99 -22.79 -8.12
C ARG B 112 21.42 -21.39 -8.07
N GLY B 113 20.66 -21.11 -7.02
CA GLY B 113 20.03 -19.83 -6.81
C GLY B 113 20.97 -18.72 -6.38
N GLN B 114 20.55 -17.50 -6.65
CA GLN B 114 21.26 -16.30 -6.20
C GLN B 114 20.28 -15.33 -5.61
N PHE B 115 20.70 -14.68 -4.54
CA PHE B 115 19.92 -13.61 -3.94
C PHE B 115 20.45 -12.26 -4.42
N ALA B 116 19.53 -11.32 -4.63
CA ALA B 116 19.86 -9.92 -4.82
C ALA B 116 19.48 -9.20 -3.52
N ILE B 117 20.46 -8.56 -2.90
CA ILE B 117 20.25 -7.93 -1.61
C ILE B 117 20.52 -6.45 -1.78
N LEU B 118 19.62 -5.63 -1.24
CA LEU B 118 19.78 -4.19 -1.24
C LEU B 118 20.78 -3.77 -0.15
N THR B 119 21.85 -3.08 -0.52
CA THR B 119 22.82 -2.58 0.45
C THR B 119 22.25 -1.45 1.28
N ASP B 120 22.93 -1.07 2.37
CA ASP B 120 22.57 0.16 3.10
C ASP B 120 22.54 1.37 2.18
N GLU B 121 23.62 1.59 1.42
CA GLU B 121 23.73 2.78 0.55
C GLU B 121 22.59 2.83 -0.47
N GLY B 122 22.15 1.65 -0.91
CA GLY B 122 21.03 1.54 -1.82
C GLY B 122 19.75 2.03 -1.16
N TYR B 123 19.50 1.55 0.06
CA TYR B 123 18.40 2.04 0.87
C TYR B 123 18.47 3.55 1.09
N GLU B 124 19.67 4.09 1.20
CA GLU B 124 19.83 5.54 1.37
C GLU B 124 19.49 6.34 0.11
N VAL B 125 19.68 5.75 -1.06
CA VAL B 125 19.25 6.38 -2.32
C VAL B 125 17.73 6.40 -2.46
N LEU B 126 17.06 5.37 -1.94
CA LEU B 126 15.61 5.38 -1.94
C LEU B 126 15.11 6.47 -1.03
N ARG B 127 15.63 6.50 0.20
CA ARG B 127 15.20 7.48 1.18
C ARG B 127 15.40 8.89 0.61
N ARG B 128 16.55 9.10 -0.03
CA ARG B 128 16.85 10.40 -0.62
C ARG B 128 15.88 10.78 -1.76
N THR B 129 15.55 9.82 -2.63
CA THR B 129 14.86 10.15 -3.88
C THR B 129 13.33 9.88 -3.94
N ALA B 130 12.87 8.85 -3.25
CA ALA B 130 11.45 8.49 -3.28
C ALA B 130 10.47 9.68 -3.25
N PRO B 131 10.58 10.59 -2.25
CA PRO B 131 9.70 11.76 -2.24
C PRO B 131 9.61 12.49 -3.58
N GLY B 132 10.75 12.73 -4.22
CA GLY B 132 10.76 13.27 -5.56
C GLY B 132 9.94 12.40 -6.50
N HIS B 133 10.31 11.12 -6.58
CA HIS B 133 9.62 10.21 -7.49
C HIS B 133 8.13 10.09 -7.20
N VAL B 134 7.76 10.11 -5.92
CA VAL B 134 6.35 10.07 -5.55
C VAL B 134 5.63 11.31 -6.06
N ASP B 135 6.16 12.50 -5.81
CA ASP B 135 5.60 13.74 -6.36
C ASP B 135 5.32 13.59 -7.84
N ALA B 136 6.36 13.27 -8.60
CA ALA B 136 6.26 13.15 -10.06
C ALA B 136 5.14 12.20 -10.49
N VAL B 137 4.98 11.10 -9.76
CA VAL B 137 3.91 10.15 -10.02
C VAL B 137 2.55 10.67 -9.55
N ARG B 138 2.51 11.44 -8.47
CA ARG B 138 1.30 12.11 -8.08
C ARG B 138 0.85 13.11 -9.14
N GLN B 139 1.75 14.04 -9.48
CA GLN B 139 1.42 15.20 -10.30
C GLN B 139 0.99 14.77 -11.70
N ALA B 140 1.64 13.74 -12.23
CA ALA B 140 1.30 13.21 -13.54
C ALA B 140 -0.01 12.44 -13.54
N VAL B 141 -0.35 11.78 -12.42
CA VAL B 141 -1.46 10.84 -12.42
C VAL B 141 -2.51 11.12 -11.34
N PHE B 142 -2.19 10.81 -10.09
CA PHE B 142 -3.23 10.74 -9.04
C PHE B 142 -3.92 12.06 -8.70
N ASP B 143 -3.15 13.15 -8.67
CA ASP B 143 -3.72 14.47 -8.49
C ASP B 143 -4.73 14.86 -9.58
N ARG B 144 -4.77 14.12 -10.69
CA ARG B 144 -5.62 14.46 -11.85
C ARG B 144 -6.87 13.57 -12.01
N LEU B 145 -7.02 12.58 -11.15
CA LEU B 145 -8.14 11.63 -11.28
C LEU B 145 -8.97 11.60 -10.01
N THR B 146 -10.30 11.56 -10.18
CA THR B 146 -11.21 11.41 -9.05
C THR B 146 -11.03 9.99 -8.47
N PRO B 147 -11.39 9.80 -7.18
CA PRO B 147 -11.41 8.45 -6.60
C PRO B 147 -12.05 7.38 -7.50
N GLU B 148 -13.21 7.67 -8.08
CA GLU B 148 -13.87 6.73 -8.99
C GLU B 148 -12.93 6.21 -10.09
N GLN B 149 -12.11 7.10 -10.67
CA GLN B 149 -11.24 6.74 -11.80
C GLN B 149 -10.00 6.02 -11.34
N GLN B 150 -9.48 6.42 -10.19
CA GLN B 150 -8.37 5.69 -9.59
C GLN B 150 -8.79 4.26 -9.33
N LYS B 151 -9.98 4.08 -8.75
CA LYS B 151 -10.55 2.74 -8.56
C LYS B 151 -10.57 2.07 -9.94
N SER B 152 -11.17 2.76 -10.91
CA SER B 152 -11.40 2.21 -12.25
C SER B 152 -10.11 1.81 -12.99
N LEU B 153 -9.10 2.67 -12.92
CA LEU B 153 -7.77 2.39 -13.50
C LEU B 153 -7.18 1.07 -13.00
N GLY B 154 -7.19 0.87 -11.68
CA GLY B 154 -6.60 -0.32 -11.08
C GLY B 154 -7.33 -1.60 -11.42
N GLU B 155 -8.65 -1.53 -11.46
CA GLU B 155 -9.45 -2.68 -11.89
C GLU B 155 -9.07 -3.02 -13.30
N ILE B 156 -8.89 -1.99 -14.13
CA ILE B 156 -8.62 -2.17 -15.55
C ILE B 156 -7.23 -2.76 -15.80
N MET B 157 -6.21 -2.18 -15.20
CA MET B 157 -4.85 -2.65 -15.46
C MET B 157 -4.64 -4.04 -14.91
N ARG B 158 -5.22 -4.34 -13.76
CA ARG B 158 -5.15 -5.68 -13.14
C ARG B 158 -5.67 -6.77 -14.08
N ILE B 159 -6.75 -6.50 -14.80
CA ILE B 159 -7.30 -7.45 -15.79
C ILE B 159 -6.32 -7.67 -16.94
N VAL B 160 -5.81 -6.55 -17.49
CA VAL B 160 -4.84 -6.57 -18.57
C VAL B 160 -3.60 -7.37 -18.15
N ALA B 161 -3.11 -7.12 -16.95
CA ALA B 161 -1.96 -7.86 -16.41
C ALA B 161 -2.29 -9.34 -16.19
N GLU B 162 -3.33 -9.61 -15.41
CA GLU B 162 -3.80 -10.99 -15.25
C GLU B 162 -3.87 -11.70 -16.60
N GLY B 163 -4.42 -11.01 -17.61
CA GLY B 163 -4.59 -11.60 -18.95
C GLY B 163 -3.30 -12.01 -19.63
N LEU B 164 -2.23 -11.28 -19.32
CA LEU B 164 -0.95 -11.46 -20.00
C LEU B 164 -0.02 -12.38 -19.23
N GLN B 165 -0.42 -12.78 -18.03
CA GLN B 165 0.34 -13.78 -17.31
C GLN B 165 -0.58 -14.88 -16.79
N PRO B 166 -1.14 -15.69 -17.72
CA PRO B 166 -1.97 -16.79 -17.25
C PRO B 166 -1.11 -17.92 -16.66
N SER B 167 -1.73 -18.78 -15.84
CA SER B 167 -1.04 -19.94 -15.26
C SER B 167 -0.77 -21.08 -16.27
N GLU B 168 -1.41 -21.01 -17.44
CA GLU B 168 -1.46 -22.12 -18.42
C GLU B 168 -0.16 -22.76 -18.99
N ALA B 169 0.64 -23.43 -18.14
CA ALA B 169 1.61 -24.49 -18.56
C ALA B 169 2.90 -24.06 -19.30
N GLY B 170 2.80 -23.79 -20.60
CA GLY B 170 3.96 -23.49 -21.45
C GLY B 170 4.00 -22.04 -21.89
N ALA B 171 3.42 -21.12 -21.09
CA ALA B 171 3.24 -19.71 -21.53
C ALA B 171 4.55 -18.91 -21.55
N ASP B 172 4.52 -17.80 -22.27
CA ASP B 172 5.72 -17.07 -22.66
C ASP B 172 5.99 -15.92 -21.69
N LEU B 173 6.11 -16.25 -20.41
CA LEU B 173 6.31 -15.23 -19.38
C LEU B 173 7.78 -14.85 -19.35
N PRO B 174 8.09 -13.54 -19.34
CA PRO B 174 9.47 -13.02 -19.41
C PRO B 174 10.46 -13.74 -18.49
N TRP B 175 10.06 -13.95 -17.24
CA TRP B 175 10.95 -14.51 -16.24
C TRP B 175 11.17 -16.01 -16.39
N LEU B 176 10.38 -16.64 -17.26
CA LEU B 176 10.59 -18.04 -17.64
C LEU B 176 11.26 -18.17 -19.00
N ARG B 177 11.77 -17.07 -19.52
CA ARG B 177 12.44 -17.10 -20.81
C ARG B 177 13.84 -17.63 -20.56
N ASN E 16 16.31 -10.04 10.56
CA ASN E 16 15.01 -9.34 10.76
C ASN E 16 15.08 -8.28 11.88
N ASP E 17 16.18 -7.54 11.91
CA ASP E 17 16.29 -6.28 12.70
C ASP E 17 16.67 -5.05 11.83
N GLU E 18 16.93 -5.30 10.53
CA GLU E 18 17.34 -4.26 9.56
C GLU E 18 16.14 -3.70 8.81
N PRO E 19 16.09 -2.37 8.64
CA PRO E 19 14.89 -1.65 8.17
C PRO E 19 14.39 -2.00 6.76
N ARG E 20 13.21 -2.60 6.65
CA ARG E 20 12.51 -2.80 5.38
C ARG E 20 11.64 -1.56 5.06
N TRP E 21 10.81 -1.66 4.02
CA TRP E 21 9.59 -0.84 3.84
C TRP E 21 8.42 -1.79 4.02
N LEU E 22 7.22 -1.26 4.16
CA LEU E 22 6.02 -2.09 4.17
C LEU E 22 5.37 -2.14 2.80
N THR E 23 5.06 -3.33 2.30
CA THR E 23 4.35 -3.45 1.04
C THR E 23 2.98 -2.81 1.21
N ALA E 24 2.33 -2.48 0.12
CA ALA E 24 1.01 -1.90 0.21
C ALA E 24 0.05 -2.91 0.78
N GLU E 25 0.30 -4.21 0.54
CA GLU E 25 -0.62 -5.24 1.05
C GLU E 25 -0.53 -5.15 2.55
N GLU E 26 0.69 -5.22 3.07
CA GLU E 26 0.95 -5.17 4.52
C GLU E 26 0.33 -3.93 5.15
N GLN E 27 0.52 -2.78 4.51
CA GLN E 27 -0.08 -1.55 4.99
C GLN E 27 -1.58 -1.70 5.20
N LEU E 28 -2.27 -2.35 4.25
CA LEU E 28 -3.73 -2.60 4.33
C LEU E 28 -4.15 -3.56 5.43
N VAL E 29 -3.33 -4.58 5.65
CA VAL E 29 -3.56 -5.50 6.73
C VAL E 29 -3.51 -4.73 8.03
N TRP E 30 -2.42 -3.99 8.21
CA TRP E 30 -2.20 -3.18 9.41
C TRP E 30 -3.37 -2.23 9.67
N ARG E 31 -3.81 -1.53 8.65
CA ARG E 31 -4.91 -0.58 8.80
C ARG E 31 -6.10 -1.31 9.36
N SER E 32 -6.47 -2.41 8.70
CA SER E 32 -7.68 -3.10 9.07
C SER E 32 -7.56 -3.71 10.47
N TYR E 33 -6.35 -4.07 10.89
CA TYR E 33 -6.12 -4.45 12.28
C TYR E 33 -6.46 -3.29 13.19
N ILE E 34 -5.83 -2.15 12.96
CA ILE E 34 -6.04 -0.98 13.82
C ILE E 34 -7.53 -0.69 13.97
N GLU E 35 -8.26 -0.66 12.85
CA GLU E 35 -9.69 -0.29 12.87
C GLU E 35 -10.46 -1.29 13.73
N ALA E 36 -10.26 -2.57 13.42
CA ALA E 36 -10.95 -3.62 14.11
C ALA E 36 -10.75 -3.49 15.61
N ALA E 37 -9.49 -3.43 16.02
CA ALA E 37 -9.15 -3.31 17.45
C ALA E 37 -9.78 -2.09 18.08
N THR E 38 -9.72 -0.95 17.40
CA THR E 38 -10.26 0.29 17.93
C THR E 38 -11.79 0.22 18.03
N LEU E 39 -12.42 -0.49 17.11
CA LEU E 39 -13.88 -0.67 17.12
C LEU E 39 -14.33 -1.69 18.14
N LEU E 40 -13.58 -2.79 18.29
CA LEU E 40 -13.87 -3.76 19.35
C LEU E 40 -13.77 -3.12 20.75
N GLU E 41 -12.63 -2.50 21.06
CA GLU E 41 -12.44 -1.86 22.37
C GLU E 41 -13.60 -0.91 22.63
N ASP E 42 -14.04 -0.20 21.59
CA ASP E 42 -15.15 0.73 21.73
C ASP E 42 -16.47 0.00 22.00
N HIS E 43 -16.72 -1.05 21.24
CA HIS E 43 -17.96 -1.77 21.34
C HIS E 43 -18.06 -2.42 22.72
N LEU E 44 -16.95 -3.00 23.18
CA LEU E 44 -16.97 -3.77 24.41
C LEU E 44 -16.97 -2.87 25.65
N ASP E 45 -16.12 -1.86 25.66
CA ASP E 45 -16.15 -0.82 26.68
C ASP E 45 -17.56 -0.30 26.86
N ARG E 46 -18.28 -0.01 25.77
CA ARG E 46 -19.62 0.55 25.87
C ARG E 46 -20.63 -0.45 26.41
N GLN E 47 -20.57 -1.66 25.88
CA GLN E 47 -21.41 -2.74 26.35
C GLN E 47 -21.21 -2.92 27.87
N LEU E 48 -19.96 -2.90 28.33
CA LEU E 48 -19.68 -3.13 29.74
C LEU E 48 -19.94 -1.90 30.60
N GLN E 49 -19.79 -0.71 30.03
CA GLN E 49 -20.06 0.51 30.78
C GLN E 49 -21.56 0.68 31.08
N ARG E 50 -22.43 0.28 30.16
CA ARG E 50 -23.87 0.38 30.44
C ARG E 50 -24.38 -0.80 31.25
N ASP E 51 -24.06 -2.02 30.82
CA ASP E 51 -24.63 -3.24 31.43
C ASP E 51 -23.97 -3.65 32.74
N ALA E 52 -22.81 -3.10 33.05
CA ALA E 52 -22.05 -3.49 34.25
C ALA E 52 -21.31 -2.35 34.98
N GLY E 53 -21.35 -1.14 34.43
CA GLY E 53 -20.81 0.04 35.10
C GLY E 53 -19.31 0.12 35.19
N MET E 54 -18.59 -0.54 34.29
CA MET E 54 -17.12 -0.47 34.28
C MET E 54 -16.53 -0.80 32.92
N PRO E 55 -15.29 -0.35 32.66
CA PRO E 55 -14.69 -0.50 31.33
C PRO E 55 -14.15 -1.90 31.14
N HIS E 56 -13.74 -2.24 29.92
CA HIS E 56 -13.34 -3.61 29.62
C HIS E 56 -12.13 -4.10 30.44
N VAL E 57 -11.17 -3.23 30.67
CA VAL E 57 -9.96 -3.64 31.36
C VAL E 57 -10.26 -4.04 32.80
N TYR E 58 -11.08 -3.21 33.48
CA TYR E 58 -11.51 -3.48 34.86
C TYR E 58 -12.24 -4.84 34.94
N TYR E 59 -13.28 -5.02 34.14
CA TYR E 59 -13.98 -6.30 34.06
C TYR E 59 -13.03 -7.49 33.98
N GLY E 60 -12.00 -7.36 33.14
CA GLY E 60 -10.96 -8.38 33.01
C GLY E 60 -10.26 -8.70 34.32
N LEU E 61 -10.01 -7.67 35.13
CA LEU E 61 -9.36 -7.87 36.42
C LEU E 61 -10.25 -8.76 37.30
N LEU E 62 -11.56 -8.46 37.33
CA LEU E 62 -12.50 -9.26 38.12
C LEU E 62 -12.52 -10.70 37.65
N VAL E 63 -12.53 -10.89 36.34
CA VAL E 63 -12.52 -12.22 35.76
C VAL E 63 -11.27 -12.99 36.19
N LYS E 64 -10.12 -12.34 36.20
CA LYS E 64 -8.92 -13.05 36.56
C LYS E 64 -8.87 -13.45 38.05
N LEU E 65 -9.41 -12.61 38.92
CA LEU E 65 -9.47 -12.92 40.34
C LEU E 65 -10.49 -14.04 40.59
N ALA E 66 -11.69 -13.88 40.03
CA ALA E 66 -12.72 -14.93 40.04
C ALA E 66 -12.17 -16.31 39.66
N GLU E 67 -11.22 -16.31 38.73
CA GLU E 67 -10.55 -17.53 38.29
C GLU E 67 -9.43 -18.00 39.23
N SER E 68 -8.94 -17.13 40.09
CA SER E 68 -7.77 -17.43 40.90
C SER E 68 -8.09 -18.26 42.14
N PRO E 69 -7.07 -18.94 42.69
CA PRO E 69 -7.28 -19.61 43.97
C PRO E 69 -7.66 -18.59 45.03
N ARG E 70 -8.64 -18.93 45.86
CA ARG E 70 -9.14 -18.05 46.92
C ARG E 70 -9.57 -16.66 46.40
N ARG E 71 -9.87 -16.58 45.10
CA ARG E 71 -10.34 -15.37 44.46
C ARG E 71 -9.43 -14.15 44.68
N ARG E 72 -8.14 -14.43 44.79
CA ARG E 72 -7.17 -13.40 45.12
C ARG E 72 -5.91 -13.56 44.31
N LEU E 73 -5.14 -12.48 44.25
CA LEU E 73 -3.93 -12.42 43.44
C LEU E 73 -3.13 -11.23 43.92
N ARG E 74 -1.82 -11.36 44.01
CA ARG E 74 -0.99 -10.22 44.40
C ARG E 74 -0.92 -9.20 43.27
N MET E 75 -0.78 -7.94 43.63
CA MET E 75 -0.89 -6.83 42.68
C MET E 75 -0.07 -7.04 41.41
N THR E 76 1.24 -7.27 41.56
CA THR E 76 2.09 -7.39 40.38
C THR E 76 1.66 -8.55 39.51
N GLU E 77 1.28 -9.67 40.12
CA GLU E 77 0.77 -10.79 39.34
C GLU E 77 -0.46 -10.40 38.54
N LEU E 78 -1.35 -9.66 39.18
CA LEU E 78 -2.57 -9.22 38.53
C LEU E 78 -2.19 -8.34 37.33
N ALA E 79 -1.32 -7.37 37.54
CA ALA E 79 -0.83 -6.53 36.47
C ALA E 79 -0.23 -7.36 35.32
N LYS E 80 0.55 -8.40 35.65
CA LYS E 80 1.24 -9.22 34.64
C LYS E 80 0.25 -9.96 33.76
N TYR E 81 -0.83 -10.48 34.36
CA TYR E 81 -1.87 -11.16 33.58
C TYR E 81 -2.59 -10.16 32.68
N ALA E 82 -2.93 -9.02 33.25
CA ALA E 82 -3.66 -7.96 32.55
C ALA E 82 -2.83 -7.22 31.50
N LYS E 83 -1.50 -7.28 31.64
CA LYS E 83 -0.55 -6.62 30.75
C LYS E 83 -0.57 -5.11 30.90
N ILE E 84 -0.78 -4.65 32.13
CA ILE E 84 -0.89 -3.22 32.41
C ILE E 84 0.15 -2.88 33.42
N THR E 85 0.25 -1.62 33.79
CA THR E 85 1.24 -1.23 34.79
C THR E 85 0.68 -1.32 36.19
N ARG E 86 1.58 -1.45 37.16
CA ARG E 86 1.21 -1.47 38.57
C ARG E 86 0.45 -0.20 38.98
N SER E 87 0.80 0.90 38.34
CA SER E 87 0.24 2.20 38.63
C SER E 87 -1.21 2.21 38.25
N ARG E 88 -1.45 1.85 37.00
CA ARG E 88 -2.78 1.75 36.48
C ARG E 88 -3.58 0.79 37.32
N LEU E 89 -2.96 -0.33 37.69
CA LEU E 89 -3.65 -1.30 38.53
C LEU E 89 -4.06 -0.75 39.90
N SER E 90 -3.16 0.00 40.54
CA SER E 90 -3.47 0.59 41.85
C SER E 90 -4.68 1.49 41.72
N HIS E 91 -4.65 2.39 40.75
CA HIS E 91 -5.76 3.30 40.53
C HIS E 91 -7.03 2.53 40.27
N ALA E 92 -6.96 1.51 39.41
CA ALA E 92 -8.12 0.69 39.08
C ALA E 92 -8.71 -0.01 40.30
N VAL E 93 -7.84 -0.57 41.15
CA VAL E 93 -8.32 -1.25 42.35
C VAL E 93 -8.84 -0.27 43.44
N ALA E 94 -8.34 0.97 43.48
CA ALA E 94 -8.92 1.96 44.39
C ALA E 94 -10.37 2.18 43.99
N ARG E 95 -10.60 2.19 42.68
CA ARG E 95 -11.92 2.50 42.13
C ARG E 95 -12.85 1.32 42.33
N LEU E 96 -12.32 0.11 42.15
CA LEU E 96 -13.12 -1.11 42.35
C LEU E 96 -13.43 -1.38 43.83
N GLU E 97 -12.46 -1.05 44.69
CA GLU E 97 -12.65 -1.14 46.12
C GLU E 97 -13.74 -0.18 46.57
N LYS E 98 -13.71 1.06 46.04
CA LYS E 98 -14.75 2.05 46.34
C LYS E 98 -16.13 1.49 46.04
N ASN E 99 -16.36 0.95 44.85
CA ASN E 99 -17.69 0.41 44.59
C ASN E 99 -17.93 -1.00 45.13
N GLY E 100 -16.95 -1.55 45.86
CA GLY E 100 -17.19 -2.75 46.66
C GLY E 100 -17.01 -4.07 45.97
N TRP E 101 -16.49 -4.07 44.75
CA TRP E 101 -16.29 -5.34 44.02
C TRP E 101 -14.95 -5.99 44.34
N VAL E 102 -14.07 -5.25 45.01
CA VAL E 102 -12.73 -5.74 45.39
C VAL E 102 -12.33 -5.25 46.78
N ARG E 103 -11.47 -5.99 47.47
CA ARG E 103 -10.89 -5.54 48.74
C ARG E 103 -9.44 -5.96 48.78
N ARG E 104 -8.67 -5.36 49.68
CA ARG E 104 -7.23 -5.64 49.78
C ARG E 104 -6.82 -6.23 51.13
N GLU E 105 -5.81 -7.09 51.10
CA GLU E 105 -5.18 -7.63 52.31
C GLU E 105 -3.66 -7.61 52.17
N ASP E 106 -2.97 -7.68 53.31
CA ASP E 106 -1.52 -7.74 53.34
C ASP E 106 -1.07 -9.18 53.12
N CYS E 107 0.10 -9.36 52.52
CA CYS E 107 0.75 -10.68 52.47
C CYS E 107 1.35 -10.91 53.86
N PRO E 108 1.14 -12.12 54.43
CA PRO E 108 1.60 -12.31 55.82
C PRO E 108 3.12 -12.51 55.95
N SER E 109 3.74 -13.22 55.00
CA SER E 109 5.21 -13.45 55.01
C SER E 109 5.98 -12.20 54.58
N ASP E 110 5.41 -11.41 53.69
CA ASP E 110 6.04 -10.19 53.23
C ASP E 110 5.09 -9.01 53.46
N LYS E 111 5.30 -8.24 54.55
CA LYS E 111 4.32 -7.19 54.92
C LYS E 111 4.30 -6.01 53.93
N ARG E 112 4.75 -6.28 52.71
CA ARG E 112 5.04 -5.30 51.68
C ARG E 112 4.10 -5.56 50.50
N GLY E 113 3.86 -6.84 50.25
CA GLY E 113 2.93 -7.27 49.24
C GLY E 113 1.49 -6.97 49.60
N GLN E 114 0.65 -6.86 48.59
CA GLN E 114 -0.77 -6.68 48.78
C GLN E 114 -1.51 -7.66 47.93
N PHE E 115 -2.59 -8.20 48.48
CA PHE E 115 -3.51 -9.04 47.71
C PHE E 115 -4.72 -8.23 47.29
N ALA E 116 -5.20 -8.52 46.08
CA ALA E 116 -6.47 -8.01 45.58
C ALA E 116 -7.43 -9.18 45.61
N ILE E 117 -8.50 -9.03 46.35
CA ILE E 117 -9.45 -10.11 46.57
C ILE E 117 -10.81 -9.67 46.06
N LEU E 118 -11.45 -10.56 45.30
CA LEU E 118 -12.78 -10.30 44.76
C LEU E 118 -13.82 -10.52 45.83
N THR E 119 -14.63 -9.50 46.12
CA THR E 119 -15.71 -9.64 47.11
C THR E 119 -16.83 -10.53 46.59
N ASP E 120 -17.73 -10.95 47.48
CA ASP E 120 -18.97 -11.63 47.03
C ASP E 120 -19.73 -10.78 46.00
N GLU E 121 -19.99 -9.53 46.32
CA GLU E 121 -20.77 -8.67 45.46
C GLU E 121 -20.12 -8.54 44.08
N GLY E 122 -18.79 -8.54 44.05
CA GLY E 122 -18.04 -8.47 42.81
C GLY E 122 -18.31 -9.70 41.98
N TYR E 123 -18.25 -10.87 42.62
CA TYR E 123 -18.64 -12.12 41.99
C TYR E 123 -20.08 -12.07 41.47
N GLU E 124 -20.97 -11.37 42.18
CA GLU E 124 -22.37 -11.29 41.74
C GLU E 124 -22.52 -10.42 40.50
N VAL E 125 -21.63 -9.45 40.32
CA VAL E 125 -21.63 -8.64 39.10
C VAL E 125 -21.17 -9.45 37.89
N LEU E 126 -20.26 -10.39 38.11
CA LEU E 126 -19.79 -11.24 37.00
C LEU E 126 -20.93 -12.14 36.59
N ARG E 127 -21.54 -12.81 37.57
CA ARG E 127 -22.65 -13.73 37.30
C ARG E 127 -23.74 -13.00 36.54
N ARG E 128 -24.05 -11.78 36.99
CA ARG E 128 -25.08 -10.98 36.33
C ARG E 128 -24.73 -10.62 34.89
N THR E 129 -23.48 -10.22 34.63
CA THR E 129 -23.14 -9.56 33.36
C THR E 129 -22.45 -10.46 32.32
N ALA E 130 -21.66 -11.42 32.77
CA ALA E 130 -20.88 -12.27 31.84
C ALA E 130 -21.63 -12.71 30.60
N PRO E 131 -22.82 -13.31 30.76
CA PRO E 131 -23.60 -13.72 29.59
C PRO E 131 -23.76 -12.62 28.54
N GLY E 132 -24.08 -11.40 28.98
CA GLY E 132 -24.11 -10.25 28.09
C GLY E 132 -22.78 -10.07 27.40
N HIS E 133 -21.72 -9.96 28.19
CA HIS E 133 -20.40 -9.73 27.64
C HIS E 133 -19.94 -10.84 26.69
N VAL E 134 -20.30 -12.08 27.03
CA VAL E 134 -19.96 -13.21 26.17
C VAL E 134 -20.67 -13.08 24.83
N ASP E 135 -21.98 -12.83 24.84
CA ASP E 135 -22.73 -12.60 23.58
C ASP E 135 -22.04 -11.57 22.73
N ALA E 136 -21.80 -10.39 23.32
CA ALA E 136 -21.15 -9.29 22.59
C ALA E 136 -19.81 -9.71 21.96
N VAL E 137 -19.04 -10.53 22.67
CA VAL E 137 -17.77 -11.05 22.16
C VAL E 137 -17.98 -12.14 21.10
N ARG E 138 -19.02 -12.93 21.25
CA ARG E 138 -19.43 -13.87 20.19
C ARG E 138 -19.82 -13.12 18.91
N GLN E 139 -20.80 -12.23 19.03
CA GLN E 139 -21.41 -11.58 17.89
C GLN E 139 -20.39 -10.79 17.09
N ALA E 140 -19.50 -10.12 17.80
CA ALA E 140 -18.48 -9.30 17.14
C ALA E 140 -17.40 -10.13 16.47
N VAL E 141 -17.10 -11.31 17.02
CA VAL E 141 -15.94 -12.09 16.58
C VAL E 141 -16.28 -13.51 16.17
N PHE E 142 -16.53 -14.39 17.13
CA PHE E 142 -16.52 -15.85 16.87
C PHE E 142 -17.63 -16.33 15.94
N ASP E 143 -18.83 -15.76 16.07
CA ASP E 143 -19.91 -16.06 15.13
C ASP E 143 -19.59 -15.70 13.67
N ARG E 144 -18.53 -14.92 13.44
CA ARG E 144 -18.19 -14.44 12.09
C ARG E 144 -17.01 -15.16 11.42
N LEU E 145 -16.36 -16.06 12.14
CA LEU E 145 -15.16 -16.70 11.64
C LEU E 145 -15.32 -18.21 11.62
N THR E 146 -14.84 -18.83 10.55
CA THR E 146 -14.81 -20.28 10.46
C THR E 146 -13.80 -20.82 11.50
N PRO E 147 -13.95 -22.12 11.88
CA PRO E 147 -12.93 -22.76 12.71
C PRO E 147 -11.48 -22.53 12.24
N GLU E 148 -11.21 -22.67 10.95
CA GLU E 148 -9.86 -22.44 10.42
C GLU E 148 -9.30 -21.06 10.84
N GLN E 149 -10.13 -20.02 10.81
CA GLN E 149 -9.70 -18.64 11.09
C GLN E 149 -9.57 -18.36 12.58
N GLN E 150 -10.46 -18.96 13.37
CA GLN E 150 -10.33 -18.93 14.82
C GLN E 150 -9.02 -19.56 15.22
N LYS E 151 -8.71 -20.74 14.66
CA LYS E 151 -7.41 -21.37 14.89
C LYS E 151 -6.34 -20.38 14.50
N SER E 152 -6.45 -19.84 13.29
CA SER E 152 -5.42 -18.97 12.70
C SER E 152 -5.17 -17.71 13.53
N LEU E 153 -6.24 -17.08 13.99
CA LEU E 153 -6.18 -15.88 14.85
C LEU E 153 -5.32 -16.10 16.10
N GLY E 154 -5.61 -17.19 16.80
CA GLY E 154 -4.92 -17.49 18.05
C GLY E 154 -3.45 -17.79 17.86
N GLU E 155 -3.12 -18.52 16.80
CA GLU E 155 -1.73 -18.80 16.48
C GLU E 155 -1.02 -17.48 16.26
N ILE E 156 -1.69 -16.57 15.56
CA ILE E 156 -1.10 -15.31 15.17
C ILE E 156 -0.88 -14.38 16.36
N MET E 157 -1.92 -14.20 17.18
CA MET E 157 -1.81 -13.27 18.28
C MET E 157 -0.81 -13.77 19.32
N ARG E 158 -0.79 -15.09 19.57
CA ARG E 158 0.18 -15.65 20.53
C ARG E 158 1.61 -15.32 20.16
N ILE E 159 1.94 -15.37 18.87
CA ILE E 159 3.29 -15.02 18.41
C ILE E 159 3.62 -13.56 18.69
N VAL E 160 2.68 -12.69 18.32
CA VAL E 160 2.80 -11.25 18.55
C VAL E 160 3.01 -10.97 20.03
N ALA E 161 2.20 -11.61 20.87
CA ALA E 161 2.32 -11.44 22.32
C ALA E 161 3.64 -11.98 22.83
N GLU E 162 3.93 -13.25 22.54
CA GLU E 162 5.21 -13.84 22.95
C GLU E 162 6.33 -12.90 22.58
N GLY E 163 6.26 -12.33 21.36
CA GLY E 163 7.30 -11.44 20.84
C GLY E 163 7.51 -10.18 21.63
N LEU E 164 6.45 -9.68 22.23
CA LEU E 164 6.49 -8.42 22.95
C LEU E 164 6.77 -8.57 24.45
N GLN E 165 6.80 -9.79 24.94
CA GLN E 165 7.17 -10.02 26.33
C GLN E 165 8.22 -11.13 26.42
N PRO E 166 9.42 -10.87 25.89
CA PRO E 166 10.47 -11.86 26.03
C PRO E 166 10.97 -11.92 27.49
N SER E 167 11.58 -13.05 27.85
CA SER E 167 12.13 -13.22 29.21
C SER E 167 13.43 -12.45 29.44
N GLU E 168 14.01 -11.89 28.37
CA GLU E 168 15.29 -11.16 28.45
C GLU E 168 15.29 -10.14 29.60
N ALA E 171 13.27 -5.73 27.91
CA ALA E 171 12.20 -5.76 28.88
C ALA E 171 11.14 -4.71 28.52
N ASP E 172 11.25 -3.53 29.11
CA ASP E 172 10.13 -2.57 29.22
C ASP E 172 8.71 -3.19 29.30
N LEU E 173 8.59 -4.21 30.15
CA LEU E 173 7.30 -4.84 30.40
C LEU E 173 6.52 -3.95 31.39
N PRO E 174 5.25 -3.64 31.08
CA PRO E 174 4.41 -2.72 31.85
C PRO E 174 4.46 -2.95 33.36
N TRP E 175 4.34 -4.20 33.76
CA TRP E 175 4.26 -4.54 35.18
C TRP E 175 5.61 -4.45 35.90
N LEU E 176 6.69 -4.28 35.13
CA LEU E 176 8.02 -3.98 35.67
C LEU E 176 8.43 -2.53 35.44
N ARG E 177 7.58 -1.78 34.76
CA ARG E 177 7.73 -0.35 34.60
C ARG E 177 7.30 0.37 35.91
N TRP F 21 -21.84 -19.96 26.34
CA TRP F 21 -20.48 -19.87 26.98
C TRP F 21 -19.41 -20.02 25.92
N LEU F 22 -18.18 -19.75 26.32
CA LEU F 22 -17.02 -19.94 25.45
C LEU F 22 -16.32 -21.27 25.72
N THR F 23 -16.05 -22.05 24.67
CA THR F 23 -15.28 -23.28 24.84
C THR F 23 -13.90 -22.90 25.35
N ALA F 24 -13.19 -23.87 25.91
CA ALA F 24 -11.82 -23.61 26.36
C ALA F 24 -10.91 -23.26 25.19
N GLU F 25 -11.19 -23.80 24.00
CA GLU F 25 -10.37 -23.51 22.81
C GLU F 25 -10.53 -22.02 22.49
N GLU F 26 -11.78 -21.60 22.37
CA GLU F 26 -12.11 -20.21 22.10
C GLU F 26 -11.51 -19.24 23.14
N GLN F 27 -11.63 -19.59 24.42
CA GLN F 27 -11.02 -18.80 25.49
C GLN F 27 -9.54 -18.56 25.22
N LEU F 28 -8.82 -19.61 24.81
CA LEU F 28 -7.39 -19.47 24.56
C LEU F 28 -7.14 -18.49 23.44
N VAL F 29 -7.95 -18.54 22.39
CA VAL F 29 -7.82 -17.63 21.26
C VAL F 29 -8.06 -16.20 21.72
N TRP F 30 -9.21 -15.99 22.35
CA TRP F 30 -9.62 -14.68 22.83
C TRP F 30 -8.58 -14.10 23.78
N ARG F 31 -8.12 -14.91 24.71
CA ARG F 31 -7.12 -14.47 25.69
C ARG F 31 -5.91 -13.93 24.98
N SER F 32 -5.35 -14.75 24.08
CA SER F 32 -4.12 -14.36 23.40
C SER F 32 -4.35 -13.14 22.48
N TYR F 33 -5.56 -12.95 21.95
CA TYR F 33 -5.89 -11.69 21.29
C TYR F 33 -5.78 -10.52 22.25
N ILE F 34 -6.50 -10.59 23.35
CA ILE F 34 -6.50 -9.49 24.34
C ILE F 34 -5.08 -9.10 24.73
N GLU F 35 -4.24 -10.07 25.07
CA GLU F 35 -2.88 -9.79 25.50
C GLU F 35 -2.11 -9.08 24.41
N ALA F 36 -2.12 -9.67 23.23
CA ALA F 36 -1.39 -9.12 22.10
C ALA F 36 -1.77 -7.66 21.88
N ALA F 37 -3.06 -7.42 21.73
CA ALA F 37 -3.56 -6.07 21.47
C ALA F 37 -3.16 -5.10 22.58
N THR F 38 -3.30 -5.53 23.83
CA THR F 38 -2.95 -4.65 24.95
C THR F 38 -1.45 -4.36 24.96
N LEU F 39 -0.64 -5.33 24.55
CA LEU F 39 0.83 -5.16 24.54
C LEU F 39 1.29 -4.33 23.37
N LEU F 40 0.68 -4.53 22.20
CA LEU F 40 0.99 -3.71 21.06
C LEU F 40 0.68 -2.24 21.34
N GLU F 41 -0.55 -1.94 21.75
CA GLU F 41 -0.94 -0.54 22.03
C GLU F 41 0.06 0.08 23.00
N ASP F 42 0.48 -0.70 23.98
CA ASP F 42 1.46 -0.22 24.95
C ASP F 42 2.82 0.04 24.31
N HIS F 43 3.29 -0.92 23.52
CA HIS F 43 4.60 -0.82 22.91
C HIS F 43 4.65 0.35 21.93
N LEU F 44 3.58 0.53 21.17
CA LEU F 44 3.55 1.56 20.13
C LEU F 44 3.34 2.95 20.73
N ASP F 45 2.38 3.07 21.64
CA ASP F 45 2.17 4.33 22.37
C ASP F 45 3.49 4.80 22.96
N ARG F 46 4.26 3.90 23.55
CA ARG F 46 5.53 4.29 24.16
C ARG F 46 6.59 4.70 23.17
N GLN F 47 6.74 3.90 22.13
CA GLN F 47 7.63 4.23 21.05
C GLN F 47 7.30 5.63 20.49
N LEU F 48 6.03 5.90 20.28
CA LEU F 48 5.64 7.19 19.69
C LEU F 48 5.66 8.34 20.68
N GLN F 49 5.43 8.07 21.95
CA GLN F 49 5.48 9.11 22.97
C GLN F 49 6.91 9.62 23.19
N ARG F 50 7.90 8.74 23.11
CA ARG F 50 9.30 9.20 23.27
C ARG F 50 9.88 9.76 21.97
N ASP F 51 9.73 9.04 20.86
CA ASP F 51 10.36 9.43 19.59
C ASP F 51 9.64 10.54 18.82
N ALA F 52 8.40 10.81 19.16
CA ALA F 52 7.59 11.77 18.40
C ALA F 52 6.67 12.66 19.26
N GLY F 53 6.60 12.41 20.57
CA GLY F 53 5.87 13.26 21.49
C GLY F 53 4.36 13.19 21.41
N MET F 54 3.81 12.07 20.94
CA MET F 54 2.36 11.90 20.87
C MET F 54 1.96 10.44 20.89
N PRO F 55 0.73 10.13 21.32
CA PRO F 55 0.26 8.75 21.40
C PRO F 55 -0.08 8.17 20.04
N HIS F 56 -0.34 6.87 19.98
CA HIS F 56 -0.55 6.21 18.70
C HIS F 56 -1.78 6.75 17.93
N VAL F 57 -2.87 7.06 18.60
CA VAL F 57 -4.10 7.45 17.90
C VAL F 57 -3.88 8.78 17.16
N TYR F 58 -3.24 9.72 17.84
CA TYR F 58 -2.91 11.03 17.28
C TYR F 58 -2.04 10.88 16.02
N TYR F 59 -0.91 10.20 16.17
CA TYR F 59 -0.05 9.88 15.02
C TYR F 59 -0.86 9.40 13.80
N GLY F 60 -1.81 8.49 14.05
CA GLY F 60 -2.72 7.99 13.02
C GLY F 60 -3.50 9.09 12.32
N LEU F 61 -3.93 10.11 13.08
CA LEU F 61 -4.67 11.22 12.48
C LEU F 61 -3.78 11.98 11.48
N LEU F 62 -2.54 12.24 11.89
CA LEU F 62 -1.60 12.89 10.98
C LEU F 62 -1.36 12.09 9.72
N VAL F 63 -1.22 10.78 9.88
CA VAL F 63 -1.01 9.89 8.74
C VAL F 63 -2.17 9.96 7.76
N LYS F 64 -3.41 9.97 8.27
CA LYS F 64 -4.57 9.98 7.40
C LYS F 64 -4.69 11.29 6.63
N LEU F 65 -4.31 12.41 7.26
CA LEU F 65 -4.33 13.71 6.59
C LEU F 65 -3.23 13.76 5.54
N ALA F 66 -2.02 13.40 5.95
CA ALA F 66 -0.87 13.31 5.05
C ALA F 66 -1.20 12.51 3.78
N GLU F 67 -2.06 11.50 3.94
CA GLU F 67 -2.56 10.71 2.81
C GLU F 67 -3.68 11.38 2.01
N SER F 68 -4.35 12.37 2.57
CA SER F 68 -5.53 12.95 1.94
C SER F 68 -5.22 13.98 0.85
N PRO F 69 -6.19 14.22 -0.05
CA PRO F 69 -6.02 15.31 -1.00
C PRO F 69 -5.87 16.63 -0.27
N ARG F 70 -4.94 17.47 -0.72
CA ARG F 70 -4.65 18.76 -0.09
C ARG F 70 -4.36 18.66 1.42
N ARG F 71 -3.96 17.47 1.86
CA ARG F 71 -3.56 17.20 3.25
C ARG F 71 -4.63 17.63 4.26
N ARG F 72 -5.89 17.50 3.84
CA ARG F 72 -7.00 17.92 4.66
C ARG F 72 -8.14 16.94 4.61
N LEU F 73 -9.03 17.05 5.59
CA LEU F 73 -10.16 16.13 5.74
C LEU F 73 -11.15 16.82 6.69
N ARG F 74 -12.43 16.72 6.41
CA ARG F 74 -13.44 17.30 7.31
C ARG F 74 -13.51 16.43 8.56
N MET F 75 -13.81 17.08 9.68
CA MET F 75 -13.72 16.45 11.00
C MET F 75 -14.37 15.07 11.03
N THR F 76 -15.63 15.00 10.63
CA THR F 76 -16.37 13.75 10.76
C THR F 76 -15.72 12.67 9.92
N GLU F 77 -15.26 13.02 8.72
CA GLU F 77 -14.55 12.07 7.88
C GLU F 77 -13.30 11.55 8.58
N LEU F 78 -12.56 12.46 9.21
CA LEU F 78 -11.39 12.07 9.94
C LEU F 78 -11.76 11.10 11.05
N ALA F 79 -12.75 11.46 11.85
CA ALA F 79 -13.24 10.55 12.88
C ALA F 79 -13.60 9.18 12.30
N LYS F 80 -14.27 9.15 11.15
CA LYS F 80 -14.77 7.91 10.55
C LYS F 80 -13.65 6.97 10.17
N TYR F 81 -12.58 7.53 9.63
CA TYR F 81 -11.39 6.73 9.29
C TYR F 81 -10.72 6.19 10.55
N ALA F 82 -10.56 7.08 11.53
CA ALA F 82 -9.91 6.75 12.81
C ALA F 82 -10.75 5.83 13.69
N LYS F 83 -12.06 5.82 13.46
CA LYS F 83 -13.01 4.98 14.20
C LYS F 83 -13.19 5.51 15.65
N ILE F 84 -13.11 6.83 15.81
CA ILE F 84 -13.24 7.46 17.10
C ILE F 84 -14.41 8.41 17.07
N THR F 85 -14.70 9.05 18.19
CA THR F 85 -15.83 9.98 18.20
C THR F 85 -15.38 11.39 17.83
N ARG F 86 -16.32 12.18 17.37
CA ARG F 86 -16.07 13.59 17.02
C ARG F 86 -15.52 14.35 18.20
N SER F 87 -15.96 13.95 19.40
CA SER F 87 -15.62 14.62 20.62
C SER F 87 -14.15 14.42 20.87
N ARG F 88 -13.75 13.16 20.87
CA ARG F 88 -12.36 12.80 21.05
C ARG F 88 -11.52 13.46 19.97
N LEU F 89 -12.03 13.50 18.74
CA LEU F 89 -11.31 14.14 17.66
C LEU F 89 -11.12 15.62 17.88
N SER F 90 -12.16 16.32 18.33
CA SER F 90 -12.03 17.75 18.61
C SER F 90 -10.94 17.98 19.60
N HIS F 91 -10.98 17.24 20.70
CA HIS F 91 -9.99 17.43 21.76
C HIS F 91 -8.60 17.16 21.19
N ALA F 92 -8.48 16.09 20.41
CA ALA F 92 -7.18 15.70 19.85
C ALA F 92 -6.62 16.76 18.91
N VAL F 93 -7.50 17.35 18.09
CA VAL F 93 -7.07 18.40 17.16
C VAL F 93 -6.81 19.74 17.85
N ALA F 94 -7.47 20.03 18.96
CA ALA F 94 -7.08 21.19 19.77
C ALA F 94 -5.62 21.04 20.21
N ARG F 95 -5.26 19.81 20.58
CA ARG F 95 -3.95 19.54 21.15
C ARG F 95 -2.92 19.58 20.06
N LEU F 96 -3.27 19.04 18.88
CA LEU F 96 -2.36 19.02 17.73
C LEU F 96 -2.17 20.41 17.10
N GLU F 97 -3.25 21.19 17.10
CA GLU F 97 -3.20 22.58 16.68
C GLU F 97 -2.27 23.38 17.60
N LYS F 98 -2.38 23.15 18.91
CA LYS F 98 -1.51 23.82 19.87
C LYS F 98 -0.06 23.60 19.55
N ASN F 99 0.37 22.35 19.37
CA ASN F 99 1.76 22.15 19.04
C ASN F 99 2.11 22.36 17.56
N GLY F 100 1.13 22.80 16.76
CA GLY F 100 1.43 23.31 15.42
C GLY F 100 1.44 22.30 14.30
N TRP F 101 1.06 21.05 14.56
CA TRP F 101 1.11 20.03 13.53
C TRP F 101 -0.16 20.02 12.69
N VAL F 102 -1.19 20.74 13.15
CA VAL F 102 -2.48 20.80 12.46
C VAL F 102 -3.08 22.21 12.54
N ARG F 103 -3.90 22.57 11.57
CA ARG F 103 -4.66 23.83 11.61
C ARG F 103 -6.06 23.56 11.06
N ARG F 104 -6.98 24.48 11.33
CA ARG F 104 -8.38 24.33 10.92
C ARG F 104 -8.83 25.42 9.97
N GLU F 105 -9.74 25.06 9.05
CA GLU F 105 -10.41 26.01 8.17
C GLU F 105 -11.89 25.70 8.08
N ASP F 106 -12.68 26.68 7.65
CA ASP F 106 -14.13 26.50 7.46
C ASP F 106 -14.39 25.91 6.08
N CYS F 107 -15.46 25.14 5.95
CA CYS F 107 -15.94 24.67 4.64
C CYS F 107 -16.65 25.86 4.02
N PRO F 108 -16.36 26.15 2.74
CA PRO F 108 -16.92 27.38 2.16
C PRO F 108 -18.41 27.27 1.79
N SER F 109 -18.85 26.11 1.28
CA SER F 109 -20.27 25.90 0.93
C SER F 109 -21.15 25.67 2.18
N ASP F 110 -20.59 25.07 3.21
CA ASP F 110 -21.33 24.76 4.44
C ASP F 110 -20.63 25.40 5.62
N LYS F 111 -21.11 26.56 6.08
CA LYS F 111 -20.40 27.35 7.10
C LYS F 111 -20.40 26.66 8.49
N ARG F 112 -20.57 25.34 8.46
CA ARG F 112 -20.83 24.52 9.62
C ARG F 112 -19.69 23.54 9.75
N GLY F 113 -19.24 23.04 8.61
CA GLY F 113 -18.14 22.08 8.53
C GLY F 113 -16.80 22.70 8.84
N GLN F 114 -15.88 21.86 9.26
CA GLN F 114 -14.54 22.31 9.55
C GLN F 114 -13.55 21.34 8.98
N PHE F 115 -12.47 21.87 8.43
CA PHE F 115 -11.41 21.05 7.87
C PHE F 115 -10.29 20.97 8.88
N ALA F 116 -9.68 19.80 8.97
CA ALA F 116 -8.42 19.61 9.68
C ALA F 116 -7.35 19.49 8.62
N ILE F 117 -6.37 20.38 8.67
CA ILE F 117 -5.32 20.44 7.69
C ILE F 117 -3.99 20.19 8.38
N LEU F 118 -3.18 19.31 7.81
CA LEU F 118 -1.84 19.04 8.28
C LEU F 118 -0.89 20.17 7.88
N THR F 119 -0.24 20.80 8.84
CA THR F 119 0.73 21.86 8.55
C THR F 119 2.01 21.28 7.94
N ASP F 120 2.86 22.14 7.39
CA ASP F 120 4.20 21.70 6.95
C ASP F 120 4.95 21.03 8.10
N GLU F 121 5.00 21.69 9.25
CA GLU F 121 5.74 21.17 10.41
C GLU F 121 5.26 19.80 10.81
N GLY F 122 3.95 19.59 10.68
CA GLY F 122 3.33 18.32 11.00
C GLY F 122 3.84 17.26 10.05
N TYR F 123 3.84 17.58 8.74
CA TYR F 123 4.43 16.71 7.74
C TYR F 123 5.89 16.40 8.03
N GLU F 124 6.61 17.36 8.59
CA GLU F 124 8.03 17.16 8.94
C GLU F 124 8.21 16.20 10.12
N VAL F 125 7.24 16.16 11.04
CA VAL F 125 7.28 15.18 12.13
C VAL F 125 7.03 13.76 11.62
N LEU F 126 6.21 13.62 10.59
CA LEU F 126 5.96 12.30 10.02
C LEU F 126 7.23 11.82 9.35
N ARG F 127 7.81 12.68 8.51
CA ARG F 127 9.01 12.34 7.79
C ARG F 127 10.11 11.93 8.77
N ARG F 128 10.22 12.68 9.86
CA ARG F 128 11.20 12.39 10.90
C ARG F 128 10.97 11.05 11.62
N THR F 129 9.72 10.75 11.96
CA THR F 129 9.43 9.64 12.87
C THR F 129 8.94 8.33 12.22
N ALA F 130 8.22 8.41 11.12
CA ALA F 130 7.67 7.22 10.46
C ALA F 130 8.60 6.02 10.41
N PRO F 131 9.84 6.20 9.90
CA PRO F 131 10.79 5.07 9.87
C PRO F 131 10.90 4.35 11.19
N GLY F 132 11.04 5.11 12.27
CA GLY F 132 11.02 4.52 13.62
C GLY F 132 9.74 3.73 13.85
N HIS F 133 8.60 4.39 13.66
CA HIS F 133 7.32 3.74 13.91
C HIS F 133 7.10 2.51 13.02
N VAL F 134 7.56 2.59 11.77
CA VAL F 134 7.46 1.46 10.87
C VAL F 134 8.29 0.29 11.40
N ASP F 135 9.55 0.52 11.77
CA ASP F 135 10.37 -0.53 12.38
C ASP F 135 9.64 -1.22 13.48
N ALA F 136 9.23 -0.42 14.47
CA ALA F 136 8.52 -0.95 15.64
C ALA F 136 7.33 -1.83 15.24
N VAL F 137 6.59 -1.43 14.21
CA VAL F 137 5.44 -2.20 13.73
C VAL F 137 5.89 -3.43 12.96
N ARG F 138 7.00 -3.33 12.25
CA ARG F 138 7.59 -4.50 11.62
C ARG F 138 8.01 -5.53 12.64
N GLN F 139 8.88 -5.09 13.57
CA GLN F 139 9.57 -6.00 14.49
C GLN F 139 8.56 -6.72 15.40
N ALA F 140 7.51 -6.01 15.81
CA ALA F 140 6.47 -6.59 16.64
C ALA F 140 5.56 -7.55 15.87
N VAL F 141 5.36 -7.29 14.58
CA VAL F 141 4.34 -8.02 13.81
C VAL F 141 4.88 -8.70 12.55
N PHE F 142 5.11 -7.92 11.50
CA PHE F 142 5.29 -8.48 10.15
C PHE F 142 6.53 -9.35 9.96
N ASP F 143 7.64 -8.96 10.58
CA ASP F 143 8.84 -9.82 10.60
C ASP F 143 8.61 -11.20 11.22
N ARG F 144 7.51 -11.39 11.96
CA ARG F 144 7.27 -12.63 12.70
C ARG F 144 6.23 -13.56 12.06
N LEU F 145 5.62 -13.13 10.97
CA LEU F 145 4.54 -13.90 10.36
C LEU F 145 4.86 -14.24 8.89
N THR F 146 4.54 -15.47 8.49
CA THR F 146 4.66 -15.86 7.10
C THR F 146 3.65 -15.08 6.27
N PRO F 147 3.89 -14.95 4.94
CA PRO F 147 2.88 -14.39 4.05
C PRO F 147 1.44 -14.95 4.28
N GLU F 148 1.30 -16.27 4.39
CA GLU F 148 -0.01 -16.88 4.62
C GLU F 148 -0.75 -16.24 5.80
N GLN F 149 -0.02 -15.96 6.89
CA GLN F 149 -0.64 -15.45 8.14
C GLN F 149 -0.91 -13.96 8.05
N GLN F 150 -0.03 -13.24 7.37
CA GLN F 150 -0.28 -11.83 7.08
C GLN F 150 -1.55 -11.70 6.27
N LYS F 151 -1.68 -12.52 5.21
CA LYS F 151 -2.92 -12.57 4.45
C LYS F 151 -4.05 -12.84 5.42
N SER F 152 -3.90 -13.89 6.21
CA SER F 152 -4.96 -14.37 7.10
C SER F 152 -5.41 -13.32 8.13
N LEU F 153 -4.45 -12.64 8.74
CA LEU F 153 -4.71 -11.58 9.73
C LEU F 153 -5.63 -10.50 9.17
N GLY F 154 -5.30 -10.01 7.97
CA GLY F 154 -6.03 -8.92 7.36
C GLY F 154 -7.44 -9.31 7.00
N GLU F 155 -7.60 -10.53 6.47
CA GLU F 155 -8.93 -11.02 6.13
C GLU F 155 -9.75 -11.04 7.40
N ILE F 156 -9.13 -11.48 8.49
CA ILE F 156 -9.82 -11.65 9.76
C ILE F 156 -10.24 -10.33 10.38
N MET F 157 -9.30 -9.38 10.47
CA MET F 157 -9.63 -8.11 11.11
C MET F 157 -10.64 -7.32 10.29
N ARG F 158 -10.51 -7.36 8.96
CA ARG F 158 -11.47 -6.70 8.09
C ARG F 158 -12.93 -7.15 8.30
N ILE F 159 -13.13 -8.45 8.52
CA ILE F 159 -14.47 -8.97 8.85
C ILE F 159 -14.99 -8.40 10.18
N VAL F 160 -14.13 -8.46 11.20
CA VAL F 160 -14.46 -7.94 12.53
C VAL F 160 -14.85 -6.48 12.42
N ALA F 161 -14.07 -5.70 11.68
CA ALA F 161 -14.35 -4.28 11.52
C ALA F 161 -15.65 -4.08 10.76
N GLU F 162 -15.73 -4.69 9.56
CA GLU F 162 -16.98 -4.66 8.79
C GLU F 162 -18.18 -4.97 9.68
N GLY F 163 -18.03 -5.99 10.52
CA GLY F 163 -19.12 -6.42 11.40
C GLY F 163 -19.56 -5.37 12.41
N LEU F 164 -18.63 -4.53 12.83
CA LEU F 164 -18.90 -3.54 13.87
C LEU F 164 -19.31 -2.19 13.31
N GLN F 165 -19.26 -2.03 12.00
CA GLN F 165 -19.78 -0.81 11.36
C GLN F 165 -20.71 -1.15 10.21
N PRO F 166 -21.89 -1.74 10.51
CA PRO F 166 -22.83 -2.04 9.43
C PRO F 166 -23.50 -0.74 8.93
N SER F 167 -24.02 -0.78 7.70
CA SER F 167 -24.69 0.39 7.11
C SER F 167 -26.08 0.61 7.70
N GLU F 168 -26.57 -0.33 8.49
CA GLU F 168 -27.90 -0.22 9.11
C GLU F 168 -28.04 1.14 9.81
N ASP F 172 -24.83 2.62 16.11
CA ASP F 172 -24.11 3.31 17.20
C ASP F 172 -22.63 3.48 16.83
N LEU F 173 -22.39 4.07 15.68
CA LEU F 173 -21.04 4.31 15.19
C LEU F 173 -20.46 5.53 15.88
N PRO F 174 -19.21 5.43 16.39
CA PRO F 174 -18.54 6.49 17.17
C PRO F 174 -18.68 7.88 16.57
N TRP F 175 -18.44 7.98 15.28
CA TRP F 175 -18.43 9.28 14.61
C TRP F 175 -19.83 9.86 14.38
N LEU F 176 -20.86 9.04 14.62
CA LEU F 176 -22.25 9.50 14.61
C LEU F 176 -22.78 9.51 16.05
N ARG F 177 -21.88 9.70 16.99
CA ARG F 177 -22.30 9.94 18.35
C ARG F 177 -22.49 11.44 18.53
#